data_5PWD
#
_entry.id   5PWD
#
_cell.length_a   127.688
_cell.length_b   45.389
_cell.length_c   83.411
_cell.angle_alpha   90.000
_cell.angle_beta   102.160
_cell.angle_gamma   90.000
#
_symmetry.space_group_name_H-M   'C 1 2 1'
#
loop_
_entity.id
_entity.type
_entity.pdbx_description
1 polymer 'Nuclear autoantigen Sp-100'
2 non-polymer 'ZINC ION'
3 non-polymer '2-(N-MORPHOLINO)-ETHANESULFONIC ACID'
4 non-polymer 1,2-ETHANEDIOL
5 non-polymer 'CHLORIDE ION'
6 non-polymer '4-(methylamino)benzoic acid'
7 water water
#
_entity_poly.entity_id   1
_entity_poly.type   'polypeptide(L)'
_entity_poly.pdbx_seq_one_letter_code
;ENSNICEVCNKWGRLFCCDTCPRSFHEHCHIPSVEANKNPWSCIFCRIKTIQERCPESQSGHQESEVLMRQMLPEEQLKC
EFLLLKVYCDSKSCFFASEPYYNREGSQGPQKPMWLNKVKTSLNEQMYTRVEGFVQDMRLIFHNHKEFYREDKFTRLGIQ
VQDIFEKNFRNIFAIQETSK
;
_entity_poly.pdbx_strand_id   A,B
#
# COMPACT_ATOMS: atom_id res chain seq x y z
N ASN A 2 27.84 -5.34 6.63
CA ASN A 2 26.41 -5.19 6.91
C ASN A 2 25.68 -4.50 5.74
N SER A 3 24.38 -4.74 5.64
CA SER A 3 23.52 -4.05 4.68
C SER A 3 23.57 -2.54 4.93
N ASN A 4 23.33 -1.76 3.87
CA ASN A 4 23.31 -0.30 3.94
C ASN A 4 21.92 0.32 4.06
N ILE A 5 20.90 -0.54 4.15
CA ILE A 5 19.54 -0.07 4.39
C ILE A 5 18.91 -0.83 5.56
N CYS A 6 17.94 -0.21 6.21
CA CYS A 6 17.14 -0.83 7.29
C CYS A 6 16.37 -2.04 6.79
N GLU A 7 16.43 -3.12 7.57
CA GLU A 7 15.84 -4.40 7.16
C GLU A 7 14.32 -4.30 7.06
N VAL A 8 13.78 -3.44 7.90
CA VAL A 8 12.33 -3.33 8.05
C VAL A 8 11.70 -2.37 7.02
N CYS A 9 12.20 -1.16 6.94
CA CYS A 9 11.59 -0.15 6.07
C CYS A 9 12.37 0.10 4.77
N ASN A 10 13.56 -0.47 4.67
CA ASN A 10 14.35 -0.45 3.42
C ASN A 10 14.88 0.91 3.02
N LYS A 11 14.99 1.81 4.00
CA LYS A 11 15.59 3.14 3.82
C LYS A 11 16.96 3.21 4.50
N TRP A 12 17.78 4.15 4.05
CA TRP A 12 19.05 4.41 4.72
C TRP A 12 18.78 5.35 5.89
N GLY A 13 19.82 5.69 6.66
CA GLY A 13 19.68 6.63 7.75
C GLY A 13 20.70 6.26 8.81
N ARG A 14 20.40 6.62 10.04
CA ARG A 14 21.15 6.17 11.21
C ARG A 14 20.82 4.68 11.47
N LEU A 15 21.75 3.81 11.08
CA LEU A 15 21.53 2.36 11.14
C LEU A 15 22.43 1.72 12.18
N PHE A 16 21.86 0.82 12.96
CA PHE A 16 22.58 -0.04 13.89
C PHE A 16 22.80 -1.42 13.29
N CYS A 17 24.03 -1.92 13.35
CA CYS A 17 24.37 -3.12 12.63
C CYS A 17 24.39 -4.33 13.54
N CYS A 18 23.88 -5.45 13.03
CA CYS A 18 23.93 -6.72 13.77
C CYS A 18 25.38 -7.17 13.82
N ASP A 19 25.79 -7.77 14.94
CA ASP A 19 27.16 -8.27 15.03
C ASP A 19 27.27 -9.75 14.63
N THR A 20 26.14 -10.41 14.44
CA THR A 20 26.18 -11.81 14.09
C THR A 20 25.50 -12.12 12.78
N CYS A 21 25.03 -11.09 12.08
CA CYS A 21 24.52 -11.28 10.72
C CYS A 21 24.59 -9.94 10.01
N PRO A 22 24.37 -9.92 8.68
CA PRO A 22 24.58 -8.69 7.92
C PRO A 22 23.40 -7.68 7.93
N ARG A 23 22.36 -7.92 8.72
CA ARG A 23 21.26 -6.97 8.76
C ARG A 23 21.53 -5.69 9.51
N SER A 24 20.83 -4.60 9.12
CA SER A 24 20.93 -3.34 9.85
C SER A 24 19.54 -2.75 10.11
N PHE A 25 19.42 -1.86 11.10
CA PHE A 25 18.11 -1.38 11.59
C PHE A 25 18.07 0.07 12.05
N HIS A 26 17.03 0.81 11.69
CA HIS A 26 16.84 2.00 12.45
C HIS A 26 16.53 1.61 13.87
N GLU A 27 16.87 2.51 14.79
CA GLU A 27 16.56 2.35 16.20
C GLU A 27 15.16 1.81 16.52
N HIS A 28 14.13 2.53 16.11
CA HIS A 28 12.73 2.20 16.43
C HIS A 28 12.04 1.29 15.38
N CYS A 29 12.77 0.89 14.35
CA CYS A 29 12.30 -0.14 13.42
C CYS A 29 12.53 -1.55 14.01
N HIS A 30 13.67 -1.75 14.66
CA HIS A 30 13.91 -3.00 15.36
C HIS A 30 12.91 -3.12 16.51
N ILE A 31 12.50 -4.37 16.84
CA ILE A 31 11.64 -4.62 18.00
C ILE A 31 12.32 -5.80 18.75
N PRO A 32 12.62 -5.57 20.04
CA PRO A 32 12.57 -4.30 20.78
C PRO A 32 13.45 -3.19 20.18
N SER A 33 13.22 -1.91 20.51
CA SER A 33 14.13 -0.83 20.08
C SER A 33 15.58 -1.16 20.36
N VAL A 34 16.46 -0.90 19.39
CA VAL A 34 17.87 -1.28 19.50
C VAL A 34 18.45 -0.78 20.82
N GLU A 35 19.16 -1.68 21.49
CA GLU A 35 19.58 -1.50 22.88
C GLU A 35 20.85 -0.64 22.98
N PRO A 40 28.68 -6.00 22.18
CA PRO A 40 28.27 -6.56 20.91
C PRO A 40 26.81 -6.94 20.89
N TRP A 41 26.19 -6.81 19.73
CA TRP A 41 24.72 -6.81 19.62
C TRP A 41 24.21 -7.80 18.56
N SER A 42 23.15 -8.54 18.92
CA SER A 42 22.57 -9.50 18.00
C SER A 42 21.09 -9.08 17.80
N CYS A 43 20.70 -8.99 16.52
CA CYS A 43 19.29 -8.66 16.12
C CYS A 43 18.30 -9.76 16.46
N ILE A 44 17.02 -9.39 16.44
CA ILE A 44 15.95 -10.35 16.71
C ILE A 44 15.93 -11.55 15.78
N PHE A 45 16.30 -11.38 14.50
CA PHE A 45 16.42 -12.53 13.63
C PHE A 45 17.42 -13.53 14.19
N CYS A 46 18.54 -13.01 14.66
CA CYS A 46 19.59 -13.88 15.22
C CYS A 46 19.10 -14.56 16.50
N ARG A 47 18.42 -13.81 17.33
CA ARG A 47 18.00 -14.33 18.63
C ARG A 47 16.95 -15.42 18.42
N ILE A 48 16.10 -15.23 17.41
CA ILE A 48 15.10 -16.25 17.09
C ILE A 48 15.78 -17.52 16.55
N LYS A 49 16.75 -17.33 15.68
CA LYS A 49 17.52 -18.46 15.15
C LYS A 49 18.20 -19.25 16.30
N THR A 50 18.75 -18.55 17.28
CA THR A 50 19.38 -19.23 18.42
C THR A 50 18.43 -20.12 19.23
N ILE A 51 17.19 -19.65 19.40
CA ILE A 51 16.14 -20.42 20.07
C ILE A 51 15.95 -21.72 19.33
N GLN A 52 15.80 -21.64 18.02
CA GLN A 52 15.54 -22.84 17.23
C GLN A 52 16.72 -23.82 17.35
N GLU A 53 17.94 -23.29 17.32
CA GLU A 53 19.14 -24.10 17.34
C GLU A 53 19.36 -24.78 18.70
N ARG A 54 19.02 -24.09 19.77
CA ARG A 54 19.15 -24.69 21.09
C ARG A 54 18.08 -25.74 21.38
N CYS A 55 16.97 -25.72 20.65
CA CYS A 55 15.91 -26.71 20.84
CA CYS A 55 15.88 -26.67 20.87
C CYS A 55 15.26 -27.07 19.53
N PRO A 56 15.96 -27.94 18.76
CA PRO A 56 15.52 -28.27 17.40
C PRO A 56 14.10 -28.81 17.34
N GLU A 57 13.66 -29.45 18.41
CA GLU A 57 12.33 -30.03 18.46
C GLU A 57 11.27 -28.95 18.51
N SER A 58 11.69 -27.69 18.77
CA SER A 58 10.75 -26.58 18.85
C SER A 58 10.13 -26.32 17.48
N GLN A 59 10.71 -26.92 16.43
CA GLN A 59 10.17 -26.76 15.09
C GLN A 59 9.20 -27.85 14.66
N SER A 60 9.00 -28.87 15.48
CA SER A 60 7.89 -29.79 15.21
C SER A 60 6.52 -29.12 15.31
N GLY A 61 5.57 -29.66 14.57
CA GLY A 61 4.26 -29.02 14.48
C GLY A 61 3.52 -28.89 15.79
N HIS A 62 2.81 -27.75 15.95
CA HIS A 62 2.02 -27.47 17.12
C HIS A 62 0.58 -27.14 16.75
N GLN A 63 -0.32 -27.28 17.74
CA GLN A 63 -1.70 -26.86 17.56
C GLN A 63 -1.84 -25.39 17.93
N GLU A 64 -2.56 -24.63 17.12
CA GLU A 64 -2.71 -23.18 17.38
C GLU A 64 -3.33 -22.96 18.76
N SER A 65 -4.27 -23.84 19.14
CA SER A 65 -4.91 -23.67 20.44
C SER A 65 -3.94 -23.79 21.60
N GLU A 66 -2.94 -24.67 21.48
CA GLU A 66 -1.93 -24.78 22.54
C GLU A 66 -1.00 -23.55 22.54
N VAL A 67 -0.65 -23.11 21.34
CA VAL A 67 0.24 -21.93 21.23
C VAL A 67 -0.42 -20.71 21.86
N LEU A 68 -1.70 -20.52 21.61
CA LEU A 68 -2.35 -19.28 22.08
C LEU A 68 -2.41 -19.24 23.61
N MET A 69 -2.57 -20.42 24.25
CA MET A 69 -2.61 -20.44 25.72
C MET A 69 -1.29 -20.30 26.44
N ARG A 70 -0.17 -20.26 25.70
CA ARG A 70 1.12 -20.12 26.35
C ARG A 70 1.26 -18.80 27.07
N GLN A 71 1.78 -18.86 28.28
CA GLN A 71 2.14 -17.64 28.99
C GLN A 71 3.26 -16.91 28.30
N MET A 72 3.25 -15.60 28.42
CA MET A 72 4.27 -14.80 27.75
C MET A 72 5.61 -14.77 28.50
N LEU A 73 6.25 -15.94 28.61
CA LEU A 73 7.62 -16.01 29.13
C LEU A 73 8.55 -15.35 28.11
N PRO A 74 9.83 -15.11 28.49
CA PRO A 74 10.78 -14.43 27.58
C PRO A 74 10.84 -14.98 26.15
N GLU A 75 10.80 -16.29 25.94
CA GLU A 75 10.82 -16.86 24.59
CA GLU A 75 10.86 -16.77 24.57
C GLU A 75 9.59 -16.49 23.75
N GLU A 76 8.41 -16.58 24.36
CA GLU A 76 7.18 -16.23 23.66
CA GLU A 76 7.17 -16.22 23.68
C GLU A 76 7.07 -14.71 23.43
N GLN A 77 7.49 -13.92 24.40
CA GLN A 77 7.58 -12.45 24.24
C GLN A 77 8.43 -12.16 23.00
N LEU A 78 9.62 -12.79 22.91
CA LEU A 78 10.48 -12.57 21.72
C LEU A 78 9.83 -12.96 20.40
N LYS A 79 9.18 -14.13 20.39
CA LYS A 79 8.49 -14.60 19.18
CA LYS A 79 8.52 -14.59 19.17
C LYS A 79 7.39 -13.62 18.76
N CYS A 80 6.65 -13.10 19.72
CA CYS A 80 5.59 -12.12 19.31
C CYS A 80 6.24 -10.82 18.80
N GLU A 81 7.31 -10.37 19.44
CA GLU A 81 8.02 -9.18 18.92
C GLU A 81 8.46 -9.41 17.49
N PHE A 82 9.00 -10.58 17.20
CA PHE A 82 9.46 -10.92 15.85
C PHE A 82 8.30 -10.96 14.85
N LEU A 83 7.18 -11.55 15.26
CA LEU A 83 6.02 -11.62 14.40
C LEU A 83 5.51 -10.21 14.10
N LEU A 84 5.46 -9.36 15.13
CA LEU A 84 5.07 -7.95 14.89
C LEU A 84 6.03 -7.29 13.91
N LEU A 85 7.33 -7.54 14.10
CA LEU A 85 8.32 -6.93 13.21
C LEU A 85 8.14 -7.40 11.76
N LYS A 86 7.80 -8.68 11.53
CA LYS A 86 7.59 -9.20 10.18
C LYS A 86 6.42 -8.45 9.54
N VAL A 87 5.36 -8.09 10.30
CA VAL A 87 4.31 -7.28 9.69
C VAL A 87 4.79 -5.90 9.28
N TYR A 88 5.53 -5.23 10.15
CA TYR A 88 6.09 -3.92 9.79
C TYR A 88 7.02 -4.01 8.59
N CYS A 89 7.60 -5.17 8.30
CA CYS A 89 8.51 -5.31 7.15
C CYS A 89 7.78 -5.13 5.82
N ASP A 90 6.46 -5.28 5.83
CA ASP A 90 5.71 -5.10 4.60
C ASP A 90 5.29 -3.65 4.47
N SER A 91 5.49 -3.08 3.29
CA SER A 91 5.18 -1.66 3.17
C SER A 91 3.69 -1.32 3.38
N LYS A 92 2.81 -2.30 3.19
CA LYS A 92 1.38 -2.03 3.34
C LYS A 92 1.02 -1.90 4.84
N SER A 93 1.95 -2.25 5.74
CA SER A 93 1.72 -2.00 7.15
C SER A 93 1.50 -0.52 7.49
N CYS A 94 1.93 0.39 6.59
CA CYS A 94 1.73 1.82 6.87
C CYS A 94 0.25 2.14 7.13
N PHE A 95 -0.66 1.40 6.50
CA PHE A 95 -2.08 1.73 6.68
C PHE A 95 -2.62 1.40 8.08
N PHE A 96 -1.88 0.52 8.76
CA PHE A 96 -2.34 -0.06 10.02
C PHE A 96 -1.43 0.38 11.19
N ALA A 97 -0.44 1.24 10.95
CA ALA A 97 0.56 1.53 11.99
C ALA A 97 0.06 2.51 13.03
N SER A 98 -0.55 3.60 12.59
CA SER A 98 -0.96 4.62 13.55
CA SER A 98 -0.97 4.66 13.48
C SER A 98 -2.48 4.63 13.80
N GLU A 99 -2.91 5.46 14.74
CA GLU A 99 -4.29 5.41 15.20
C GLU A 99 -5.24 5.85 14.10
N PRO A 100 -6.20 5.01 13.76
CA PRO A 100 -7.18 5.28 12.68
C PRO A 100 -8.33 6.19 13.14
N TYR A 101 -9.06 6.74 12.17
CA TYR A 101 -10.34 7.42 12.47
C TYR A 101 -11.37 7.06 11.39
N TYR A 102 -12.63 7.19 11.75
CA TYR A 102 -13.68 6.53 11.00
C TYR A 102 -14.85 7.50 10.70
N ASN A 103 -14.88 8.01 9.47
CA ASN A 103 -15.99 8.89 9.06
C ASN A 103 -16.26 8.69 7.58
N ARG A 104 -17.05 7.67 7.30
CA ARG A 104 -17.38 7.24 5.95
CA ARG A 104 -17.38 7.24 5.95
C ARG A 104 -18.89 7.07 5.88
N GLU A 105 -19.50 7.61 4.84
CA GLU A 105 -20.94 7.46 4.69
C GLU A 105 -21.30 5.99 4.65
N GLY A 106 -22.27 5.58 5.45
CA GLY A 106 -22.78 4.21 5.39
C GLY A 106 -22.06 3.20 6.25
N SER A 107 -21.03 3.66 6.96
CA SER A 107 -20.27 2.80 7.87
C SER A 107 -20.20 3.43 9.26
N GLN A 108 -20.04 2.57 10.26
CA GLN A 108 -19.78 3.01 11.61
C GLN A 108 -18.41 2.44 12.05
N GLY A 109 -17.61 3.25 12.73
CA GLY A 109 -16.31 2.76 13.23
C GLY A 109 -16.45 1.57 14.18
N PRO A 110 -15.34 0.82 14.32
CA PRO A 110 -15.28 -0.33 15.22
C PRO A 110 -15.45 0.04 16.68
N GLN A 111 -16.04 -0.88 17.45
CA GLN A 111 -16.17 -0.71 18.89
C GLN A 111 -14.83 -0.66 19.61
N LYS A 112 -13.86 -1.42 19.10
CA LYS A 112 -12.54 -1.45 19.71
C LYS A 112 -11.45 -1.21 18.68
N PRO A 113 -11.09 0.06 18.45
CA PRO A 113 -10.05 0.31 17.45
C PRO A 113 -8.73 -0.30 17.87
N MET A 114 -7.88 -0.63 16.89
CA MET A 114 -6.60 -1.26 17.17
C MET A 114 -5.64 -0.93 16.06
N TRP A 115 -4.36 -0.81 16.38
CA TRP A 115 -3.36 -0.46 15.38
C TRP A 115 -2.00 -0.94 15.79
N LEU A 116 -1.09 -1.01 14.84
CA LEU A 116 0.18 -1.71 15.12
C LEU A 116 1.00 -1.01 16.22
N ASN A 117 1.12 0.31 16.19
CA ASN A 117 1.90 0.99 17.20
C ASN A 117 1.30 0.78 18.59
N LYS A 118 -0.01 0.58 18.74
CA LYS A 118 -0.63 0.29 20.03
C LYS A 118 -0.24 -1.11 20.49
N VAL A 119 -0.21 -2.04 19.54
CA VAL A 119 0.29 -3.40 19.89
C VAL A 119 1.76 -3.36 20.26
N LYS A 120 2.61 -2.61 19.53
CA LYS A 120 4.02 -2.41 19.89
C LYS A 120 4.17 -1.89 21.31
N THR A 121 3.40 -0.87 21.65
CA THR A 121 3.48 -0.31 23.02
C THR A 121 3.06 -1.33 24.06
N SER A 122 1.99 -2.07 23.75
CA SER A 122 1.48 -3.06 24.72
C SER A 122 2.50 -4.15 24.94
N LEU A 123 3.18 -4.58 23.88
CA LEU A 123 4.28 -5.56 24.06
C LEU A 123 5.41 -4.99 24.88
N ASN A 124 5.80 -3.76 24.59
CA ASN A 124 6.91 -3.12 25.32
C ASN A 124 6.58 -2.98 26.80
N GLU A 125 5.31 -2.75 27.12
CA GLU A 125 4.91 -2.54 28.52
C GLU A 125 4.50 -3.86 29.22
N GLN A 126 4.81 -4.98 28.57
CA GLN A 126 4.45 -6.34 29.09
C GLN A 126 2.97 -6.41 29.47
N MET A 127 2.06 -5.95 28.62
CA MET A 127 0.64 -5.95 28.95
CA MET A 127 0.64 -5.95 28.94
C MET A 127 -0.05 -7.25 28.54
N TYR A 128 0.64 -8.10 27.79
CA TYR A 128 0.02 -9.36 27.39
C TYR A 128 0.53 -10.45 28.31
N THR A 129 -0.38 -11.20 28.89
CA THR A 129 0.09 -12.32 29.74
C THR A 129 0.12 -13.66 29.01
N ARG A 130 -0.59 -13.76 27.89
N ARG A 130 -0.59 -13.76 27.89
N ARG A 130 -0.58 -13.76 27.90
CA ARG A 130 -0.51 -14.96 27.08
CA ARG A 130 -0.52 -14.96 27.07
CA ARG A 130 -0.52 -14.96 27.08
C ARG A 130 -0.44 -14.60 25.61
C ARG A 130 -0.41 -14.58 25.60
C ARG A 130 -0.44 -14.58 25.61
N VAL A 131 0.14 -15.48 24.80
CA VAL A 131 0.20 -15.27 23.36
C VAL A 131 -1.17 -14.90 22.75
N GLU A 132 -2.25 -15.49 23.28
CA GLU A 132 -3.60 -15.22 22.79
C GLU A 132 -3.92 -13.69 22.76
N GLY A 133 -3.46 -12.96 23.78
CA GLY A 133 -3.72 -11.50 23.88
C GLY A 133 -3.17 -10.76 22.71
N PHE A 134 -1.95 -11.11 22.34
CA PHE A 134 -1.25 -10.45 21.26
C PHE A 134 -1.93 -10.82 19.93
N VAL A 135 -2.17 -12.11 19.74
CA VAL A 135 -2.76 -12.54 18.49
C VAL A 135 -4.16 -11.98 18.29
N GLN A 136 -4.94 -11.91 19.36
CA GLN A 136 -6.30 -11.35 19.26
C GLN A 136 -6.23 -9.89 18.81
N ASP A 137 -5.33 -9.11 19.41
CA ASP A 137 -5.21 -7.69 18.99
C ASP A 137 -4.75 -7.58 17.55
N MET A 138 -3.78 -8.41 17.13
CA MET A 138 -3.36 -8.32 15.73
C MET A 138 -4.49 -8.69 14.79
N ARG A 139 -5.25 -9.77 15.09
CA ARG A 139 -6.31 -10.13 14.15
C ARG A 139 -7.42 -9.10 14.13
N LEU A 140 -7.59 -8.40 15.26
CA LEU A 140 -8.62 -7.37 15.38
C LEU A 140 -8.34 -6.18 14.44
N ILE A 141 -7.05 -5.88 14.24
CA ILE A 141 -6.73 -4.81 13.29
C ILE A 141 -7.36 -5.08 11.94
N PHE A 142 -7.20 -6.30 11.47
CA PHE A 142 -7.63 -6.60 10.09
C PHE A 142 -9.14 -6.81 10.03
N HIS A 143 -9.71 -7.38 11.08
CA HIS A 143 -11.16 -7.59 11.13
C HIS A 143 -11.86 -6.22 11.13
N ASN A 144 -11.36 -5.27 11.92
CA ASN A 144 -12.00 -3.95 11.98
C ASN A 144 -12.01 -3.33 10.60
N HIS A 145 -10.90 -3.50 9.90
CA HIS A 145 -10.70 -2.88 8.58
C HIS A 145 -11.69 -3.48 7.59
N LYS A 146 -11.82 -4.79 7.61
CA LYS A 146 -12.73 -5.46 6.67
CA LYS A 146 -12.76 -5.47 6.71
C LYS A 146 -14.18 -5.06 6.94
N GLU A 147 -14.56 -4.97 8.21
CA GLU A 147 -15.92 -4.56 8.51
C GLU A 147 -16.24 -3.12 8.11
N PHE A 148 -15.28 -2.23 8.28
CA PHE A 148 -15.55 -0.81 8.08
C PHE A 148 -15.63 -0.49 6.60
N TYR A 149 -14.72 -1.06 5.81
CA TYR A 149 -14.61 -0.63 4.41
C TYR A 149 -15.57 -1.40 3.52
N ARG A 150 -16.12 -2.49 4.03
CA ARG A 150 -17.30 -3.08 3.40
C ARG A 150 -16.98 -3.46 1.98
N GLU A 151 -17.66 -2.86 1.01
CA GLU A 151 -17.42 -3.32 -0.35
C GLU A 151 -16.38 -2.47 -1.06
N ASP A 152 -15.84 -1.45 -0.41
CA ASP A 152 -14.76 -0.72 -1.03
C ASP A 152 -13.60 -1.66 -1.31
N LYS A 153 -12.95 -1.48 -2.45
CA LYS A 153 -11.84 -2.36 -2.79
C LYS A 153 -10.69 -2.18 -1.80
N PHE A 154 -10.69 -1.10 -1.04
CA PHE A 154 -9.64 -0.87 -0.03
C PHE A 154 -9.67 -2.00 1.03
N THR A 155 -10.79 -2.69 1.16
CA THR A 155 -10.86 -3.85 2.06
CA THR A 155 -10.83 -3.85 2.08
C THR A 155 -9.70 -4.80 1.81
N ARG A 156 -9.25 -4.88 0.56
CA ARG A 156 -8.23 -5.83 0.21
C ARG A 156 -6.89 -5.64 0.96
N LEU A 157 -6.61 -4.40 1.36
CA LEU A 157 -5.35 -4.15 2.06
C LEU A 157 -5.32 -4.94 3.39
N GLY A 158 -6.47 -5.07 4.03
CA GLY A 158 -6.61 -5.81 5.29
C GLY A 158 -6.41 -7.30 5.06
N ILE A 159 -6.93 -7.81 3.96
CA ILE A 159 -6.71 -9.21 3.60
C ILE A 159 -5.22 -9.47 3.33
N GLN A 160 -4.60 -8.56 2.57
CA GLN A 160 -3.21 -8.73 2.29
C GLN A 160 -2.28 -8.73 3.49
N VAL A 161 -2.44 -7.75 4.39
CA VAL A 161 -1.54 -7.68 5.52
C VAL A 161 -1.90 -8.80 6.52
N GLN A 162 -3.17 -9.18 6.61
CA GLN A 162 -3.50 -10.33 7.47
C GLN A 162 -2.81 -11.57 6.95
N ASP A 163 -2.78 -11.76 5.64
CA ASP A 163 -2.08 -12.96 5.12
CA ASP A 163 -2.07 -12.94 5.12
C ASP A 163 -0.60 -12.97 5.53
N ILE A 164 0.08 -11.83 5.47
CA ILE A 164 1.47 -11.73 5.96
C ILE A 164 1.56 -12.12 7.42
N PHE A 165 0.66 -11.55 8.24
CA PHE A 165 0.62 -11.92 9.68
C PHE A 165 0.44 -13.44 9.85
N GLU A 166 -0.55 -14.02 9.19
CA GLU A 166 -0.88 -15.45 9.45
C GLU A 166 0.23 -16.41 8.97
N LYS A 167 0.82 -16.14 7.80
CA LYS A 167 1.93 -16.96 7.30
C LYS A 167 3.09 -16.88 8.27
N ASN A 168 3.41 -15.69 8.75
CA ASN A 168 4.53 -15.60 9.68
C ASN A 168 4.22 -16.19 11.08
N PHE A 169 2.95 -16.12 11.48
CA PHE A 169 2.53 -16.74 12.74
C PHE A 169 2.78 -18.23 12.64
N ARG A 170 2.33 -18.83 11.54
CA ARG A 170 2.46 -20.29 11.41
C ARG A 170 3.95 -20.70 11.35
N ASN A 171 4.78 -19.87 10.70
CA ASN A 171 6.21 -20.16 10.65
C ASN A 171 6.87 -20.02 12.01
N ILE A 172 6.66 -18.87 12.66
CA ILE A 172 7.43 -18.57 13.87
C ILE A 172 7.05 -19.50 15.03
N PHE A 173 5.76 -19.82 15.10
CA PHE A 173 5.34 -20.68 16.21
C PHE A 173 5.19 -22.13 15.73
N ALA A 174 5.69 -22.44 14.54
CA ALA A 174 5.75 -23.82 14.06
C ALA A 174 4.40 -24.55 14.15
N ILE A 175 3.38 -23.90 13.61
CA ILE A 175 2.07 -24.48 13.59
C ILE A 175 2.09 -25.68 12.63
N GLN A 176 1.44 -26.78 13.05
CA GLN A 176 1.37 -27.99 12.23
C GLN A 176 0.76 -27.69 10.88
N GLU A 177 1.43 -28.09 9.80
CA GLU A 177 0.90 -27.88 8.45
C GLU A 177 -0.34 -28.71 8.20
N THR A 178 -1.31 -28.10 7.53
CA THR A 178 -2.55 -28.80 7.18
C THR A 178 -3.01 -28.39 5.79
N SER A 179 -3.71 -29.29 5.09
CA SER A 179 -4.33 -28.95 3.80
C SER A 179 -5.43 -27.91 3.97
N GLU B 1 -28.81 14.06 -23.79
CA GLU B 1 -28.21 14.69 -22.62
C GLU B 1 -26.83 14.08 -22.28
N ASN B 2 -26.39 13.07 -23.02
CA ASN B 2 -25.01 12.58 -22.90
C ASN B 2 -24.28 12.61 -24.24
N SER B 3 -22.98 12.89 -24.20
CA SER B 3 -22.10 12.86 -25.37
C SER B 3 -22.18 11.55 -26.12
N ASN B 4 -22.06 11.60 -27.45
CA ASN B 4 -21.94 10.36 -28.22
C ASN B 4 -20.51 9.94 -28.56
N ILE B 5 -19.53 10.54 -27.87
CA ILE B 5 -18.15 10.05 -27.98
C ILE B 5 -17.56 9.89 -26.58
N CYS B 6 -16.58 9.00 -26.49
CA CYS B 6 -15.81 8.75 -25.24
C CYS B 6 -15.04 10.00 -24.83
N GLU B 7 -15.19 10.44 -23.58
CA GLU B 7 -14.49 11.61 -23.05
C GLU B 7 -12.97 11.48 -23.21
N VAL B 8 -12.46 10.27 -23.11
CA VAL B 8 -11.01 10.08 -23.04
C VAL B 8 -10.36 9.97 -24.44
N CYS B 9 -10.90 9.08 -25.28
CA CYS B 9 -10.28 8.85 -26.58
C CYS B 9 -11.06 9.45 -27.75
N ASN B 10 -12.24 10.00 -27.49
N ASN B 10 -12.23 10.02 -27.48
CA ASN B 10 -13.03 10.74 -28.49
CA ASN B 10 -13.04 10.73 -28.48
C ASN B 10 -13.55 9.85 -29.61
C ASN B 10 -13.50 9.84 -29.63
N LYS B 11 -13.60 8.54 -29.37
CA LYS B 11 -14.15 7.63 -30.36
C LYS B 11 -15.59 7.24 -29.95
N TRP B 12 -16.37 6.79 -30.93
CA TRP B 12 -17.76 6.41 -30.74
C TRP B 12 -17.86 4.96 -30.33
N GLY B 13 -19.06 4.55 -29.93
CA GLY B 13 -19.41 3.15 -29.77
C GLY B 13 -19.17 2.51 -28.41
N ARG B 14 -20.03 1.57 -28.01
CA ARG B 14 -19.82 0.80 -26.78
C ARG B 14 -19.64 1.72 -25.60
N LEU B 15 -20.46 2.75 -25.54
CA LEU B 15 -20.33 3.79 -24.53
C LEU B 15 -21.24 3.62 -23.32
N PHE B 16 -20.70 4.00 -22.16
CA PHE B 16 -21.38 4.06 -20.86
C PHE B 16 -21.58 5.53 -20.52
N CYS B 17 -22.81 5.93 -20.38
CA CYS B 17 -23.03 7.37 -19.94
CA CYS B 17 -23.14 7.32 -20.04
C CYS B 17 -23.12 7.62 -18.40
N CYS B 18 -22.54 8.75 -18.04
CA CYS B 18 -22.61 9.15 -16.66
C CYS B 18 -24.06 9.56 -16.28
N ASP B 19 -24.53 9.24 -15.08
CA ASP B 19 -25.92 9.62 -14.73
C ASP B 19 -25.99 11.00 -14.11
N THR B 20 -24.86 11.64 -13.87
CA THR B 20 -24.87 12.93 -13.19
C THR B 20 -24.18 14.05 -13.95
N CYS B 21 -23.62 13.74 -15.12
CA CYS B 21 -23.08 14.74 -16.02
C CYS B 21 -23.19 14.24 -17.46
N PRO B 22 -22.92 15.12 -18.46
CA PRO B 22 -23.16 14.60 -19.82
C PRO B 22 -22.04 13.75 -20.43
N ARG B 23 -21.01 13.44 -19.67
CA ARG B 23 -19.91 12.65 -20.24
C ARG B 23 -20.23 11.17 -20.51
N SER B 24 -19.53 10.58 -21.48
CA SER B 24 -19.67 9.16 -21.81
C SER B 24 -18.28 8.52 -21.89
N PHE B 25 -18.20 7.20 -21.73
CA PHE B 25 -16.88 6.51 -21.59
C PHE B 25 -16.90 5.15 -22.14
N HIS B 26 -15.81 4.70 -22.78
CA HIS B 26 -15.58 3.27 -22.92
C HIS B 26 -15.26 2.61 -21.57
N GLU B 27 -15.63 1.33 -21.44
CA GLU B 27 -15.42 0.60 -20.19
C GLU B 27 -14.01 0.76 -19.62
N HIS B 28 -13.02 0.57 -20.48
CA HIS B 28 -11.62 0.56 -20.05
C HIS B 28 -10.89 1.86 -20.35
N CYS B 29 -11.63 2.84 -20.87
CA CYS B 29 -11.11 4.21 -20.96
C CYS B 29 -11.32 4.94 -19.64
N HIS B 30 -12.47 4.72 -19.00
CA HIS B 30 -12.66 5.28 -17.67
C HIS B 30 -11.66 4.59 -16.73
N ILE B 31 -11.27 5.29 -15.68
CA ILE B 31 -10.38 4.76 -14.62
C ILE B 31 -11.02 5.13 -13.31
N PRO B 32 -11.31 4.14 -12.44
CA PRO B 32 -11.21 2.71 -12.74
C PRO B 32 -12.22 2.27 -13.79
N SER B 33 -12.05 1.09 -14.38
CA SER B 33 -13.02 0.59 -15.35
C SER B 33 -14.45 0.73 -14.88
N VAL B 34 -15.34 1.04 -15.82
CA VAL B 34 -16.73 1.26 -15.49
C VAL B 34 -17.30 0.02 -14.78
N GLU B 35 -18.00 0.24 -13.66
CA GLU B 35 -18.85 -0.80 -13.07
C GLU B 35 -20.12 -0.94 -13.92
N ALA B 36 -20.15 -1.94 -14.79
CA ALA B 36 -21.25 -2.12 -15.74
C ALA B 36 -22.58 -2.48 -15.06
N ASN B 37 -22.47 -2.98 -13.83
CA ASN B 37 -23.60 -3.39 -13.02
C ASN B 37 -24.32 -2.24 -12.30
N LYS B 38 -23.62 -1.13 -12.10
CA LYS B 38 -24.10 -0.04 -11.25
C LYS B 38 -25.12 0.86 -11.92
N ASN B 39 -26.15 1.24 -11.16
CA ASN B 39 -27.22 2.09 -11.65
C ASN B 39 -27.98 2.74 -10.49
N PRO B 40 -27.83 4.06 -10.32
CA PRO B 40 -27.05 4.93 -11.20
C PRO B 40 -25.53 4.76 -11.01
N TRP B 41 -24.82 5.18 -12.04
CA TRP B 41 -23.35 5.17 -12.07
C TRP B 41 -22.88 6.58 -12.33
N SER B 42 -22.00 7.13 -11.47
CA SER B 42 -21.36 8.41 -11.70
C SER B 42 -19.87 8.21 -12.07
N CYS B 43 -19.41 9.05 -13.01
CA CYS B 43 -18.04 9.03 -13.48
C CYS B 43 -17.08 9.66 -12.49
N ILE B 44 -15.78 9.48 -12.76
CA ILE B 44 -14.78 9.99 -11.87
C ILE B 44 -14.76 11.52 -11.85
N PHE B 45 -15.15 12.20 -12.93
CA PHE B 45 -15.19 13.68 -12.83
C PHE B 45 -16.23 14.11 -11.79
N CYS B 46 -17.39 13.47 -11.82
CA CYS B 46 -18.45 13.74 -10.83
C CYS B 46 -18.03 13.37 -9.40
N ARG B 47 -17.38 12.22 -9.25
CA ARG B 47 -16.95 11.81 -7.92
C ARG B 47 -15.88 12.69 -7.33
N ILE B 48 -14.94 13.12 -8.17
CA ILE B 48 -13.93 14.06 -7.74
C ILE B 48 -14.58 15.42 -7.37
N LYS B 49 -15.56 15.88 -8.15
CA LYS B 49 -16.23 17.14 -7.83
C LYS B 49 -16.97 17.06 -6.49
N THR B 50 -17.61 15.91 -6.23
CA THR B 50 -18.31 15.73 -4.98
C THR B 50 -17.34 15.91 -3.80
N ILE B 51 -16.14 15.35 -3.91
CA ILE B 51 -15.15 15.50 -2.87
C ILE B 51 -14.67 16.94 -2.70
N GLN B 52 -14.39 17.60 -3.82
CA GLN B 52 -13.89 18.97 -3.81
C GLN B 52 -14.91 19.91 -3.17
N GLU B 53 -16.19 19.62 -3.36
CA GLU B 53 -17.26 20.51 -2.89
C GLU B 53 -17.63 20.31 -1.41
N ARG B 54 -17.15 19.22 -0.80
CA ARG B 54 -17.55 18.86 0.56
C ARG B 54 -17.36 20.01 1.57
N CYS B 55 -16.13 20.51 1.61
CA CYS B 55 -15.77 21.61 2.50
C CYS B 55 -14.50 22.25 1.96
N PRO B 56 -14.67 23.20 1.03
CA PRO B 56 -13.58 23.92 0.34
C PRO B 56 -12.55 24.53 1.30
N HIS B 62 -0.96 23.25 -0.76
CA HIS B 62 -0.06 22.29 -0.15
C HIS B 62 1.28 22.25 -0.83
N GLN B 63 2.27 21.69 -0.14
CA GLN B 63 3.60 21.48 -0.71
C GLN B 63 3.62 20.12 -1.37
N GLU B 64 4.36 19.99 -2.47
CA GLU B 64 4.47 18.68 -3.12
C GLU B 64 5.04 17.61 -2.18
N SER B 65 6.05 17.94 -1.38
CA SER B 65 6.67 16.95 -0.49
CA SER B 65 6.66 16.96 -0.47
C SER B 65 5.64 16.33 0.46
N GLU B 66 4.73 17.14 0.95
CA GLU B 66 3.65 16.68 1.81
C GLU B 66 2.73 15.74 1.04
N VAL B 67 2.33 16.17 -0.15
CA VAL B 67 1.34 15.41 -0.93
C VAL B 67 1.88 14.05 -1.27
N LEU B 68 3.16 13.99 -1.62
CA LEU B 68 3.75 12.73 -2.03
C LEU B 68 3.74 11.70 -0.88
N MET B 69 3.79 12.20 0.34
CA MET B 69 3.83 11.29 1.48
C MET B 69 2.44 10.78 1.91
N ARG B 70 1.36 11.26 1.29
CA ARG B 70 0.02 10.82 1.66
C ARG B 70 -0.16 9.34 1.34
N GLN B 71 -0.75 8.59 2.29
CA GLN B 71 -1.03 7.17 2.07
C GLN B 71 -2.18 7.06 1.08
N MET B 72 -2.19 5.96 0.32
CA MET B 72 -3.25 5.74 -0.70
C MET B 72 -4.57 5.22 -0.12
N LEU B 73 -5.15 6.02 0.77
CA LEU B 73 -6.53 5.88 1.22
C LEU B 73 -7.50 6.03 0.03
N PRO B 74 -8.76 5.60 0.18
CA PRO B 74 -9.68 5.65 -0.98
C PRO B 74 -9.71 6.97 -1.74
N GLU B 75 -9.73 8.12 -1.07
CA GLU B 75 -9.83 9.37 -1.86
C GLU B 75 -8.52 9.67 -2.58
N GLU B 76 -7.36 9.34 -2.02
CA GLU B 76 -6.10 9.60 -2.71
C GLU B 76 -5.92 8.63 -3.91
N GLN B 77 -6.38 7.40 -3.72
CA GLN B 77 -6.42 6.40 -4.79
C GLN B 77 -7.26 6.92 -5.96
N LEU B 78 -8.43 7.48 -5.64
CA LEU B 78 -9.30 8.04 -6.68
C LEU B 78 -8.63 9.25 -7.36
N LYS B 79 -7.97 10.13 -6.60
CA LYS B 79 -7.30 11.31 -7.21
C LYS B 79 -6.18 10.89 -8.14
N CYS B 80 -5.45 9.83 -7.81
CA CYS B 80 -4.43 9.35 -8.70
C CYS B 80 -5.01 8.69 -9.97
N GLU B 81 -6.11 7.93 -9.80
CA GLU B 81 -6.83 7.40 -10.97
C GLU B 81 -7.29 8.54 -11.89
N PHE B 82 -7.80 9.61 -11.30
CA PHE B 82 -8.25 10.77 -12.09
C PHE B 82 -7.08 11.42 -12.80
N LEU B 83 -5.96 11.62 -12.11
CA LEU B 83 -4.78 12.15 -12.73
C LEU B 83 -4.28 11.33 -13.89
N LEU B 84 -4.30 9.99 -13.70
CA LEU B 84 -3.85 9.11 -14.80
C LEU B 84 -4.82 9.28 -15.99
N LEU B 85 -6.11 9.32 -15.66
CA LEU B 85 -7.14 9.49 -16.74
C LEU B 85 -6.88 10.79 -17.52
N LYS B 86 -6.56 11.90 -16.82
CA LYS B 86 -6.32 13.18 -17.53
C LYS B 86 -5.15 13.07 -18.50
N VAL B 87 -4.12 12.27 -18.18
CA VAL B 87 -3.03 12.06 -19.14
C VAL B 87 -3.52 11.25 -20.38
N TYR B 88 -4.28 10.18 -20.17
CA TYR B 88 -4.83 9.43 -21.30
C TYR B 88 -5.78 10.29 -22.20
N CYS B 89 -6.38 11.33 -21.62
CA CYS B 89 -7.27 12.24 -22.37
C CYS B 89 -6.51 12.93 -23.50
N ASP B 90 -5.20 13.05 -23.39
CA ASP B 90 -4.45 13.73 -24.45
C ASP B 90 -4.10 12.77 -25.55
N SER B 91 -4.30 13.14 -26.82
CA SER B 91 -4.02 12.16 -27.85
C SER B 91 -2.53 11.70 -27.93
N LYS B 92 -1.61 12.56 -27.45
CA LYS B 92 -0.19 12.25 -27.49
C LYS B 92 0.16 11.16 -26.45
N SER B 93 -0.80 10.86 -25.55
CA SER B 93 -0.60 9.76 -24.61
C SER B 93 -0.40 8.43 -25.34
N CYS B 94 -0.80 8.33 -26.63
CA CYS B 94 -0.63 7.06 -27.33
C CYS B 94 0.84 6.56 -27.35
N PHE B 95 1.78 7.50 -27.37
CA PHE B 95 3.17 7.16 -27.51
C PHE B 95 3.69 6.50 -26.24
N PHE B 96 2.94 6.71 -25.15
CA PHE B 96 3.44 6.31 -23.83
C PHE B 96 2.58 5.22 -23.23
N ALA B 97 1.60 4.68 -23.97
CA ALA B 97 0.58 3.79 -23.36
C ALA B 97 1.09 2.37 -23.22
N SER B 98 1.74 1.83 -24.25
CA SER B 98 2.17 0.44 -24.29
C SER B 98 3.67 0.31 -24.05
N GLU B 99 4.14 -0.91 -23.85
CA GLU B 99 5.55 -1.15 -23.59
C GLU B 99 6.42 -0.65 -24.72
N PRO B 100 7.40 0.16 -24.39
CA PRO B 100 8.25 0.70 -25.43
C PRO B 100 9.21 -0.32 -25.95
N TYR B 101 9.50 -0.15 -27.22
CA TYR B 101 10.57 -0.85 -27.90
C TYR B 101 11.81 0.03 -27.97
N TYR B 102 12.92 -0.48 -27.48
CA TYR B 102 14.13 0.31 -27.50
C TYR B 102 15.21 -0.25 -28.46
N ASN B 103 16.06 -1.11 -27.92
CA ASN B 103 17.31 -1.55 -28.55
C ASN B 103 17.27 -3.05 -28.84
N GLY B 109 17.88 -2.22 -22.69
CA GLY B 109 16.81 -1.45 -22.07
C GLY B 109 17.21 -0.64 -20.85
N PRO B 110 16.37 0.33 -20.46
CA PRO B 110 16.67 1.24 -19.34
C PRO B 110 16.65 0.49 -18.01
N GLN B 111 17.03 1.21 -16.95
CA GLN B 111 17.07 0.65 -15.61
C GLN B 111 15.70 0.14 -15.19
N LYS B 112 14.69 0.98 -15.39
CA LYS B 112 13.31 0.58 -15.10
C LYS B 112 12.39 1.05 -16.23
N PRO B 113 12.00 0.12 -17.11
CA PRO B 113 11.03 0.50 -18.13
C PRO B 113 9.67 0.81 -17.50
N MET B 114 8.94 1.73 -18.11
CA MET B 114 7.65 2.16 -17.58
C MET B 114 6.75 2.71 -18.70
N TRP B 115 5.46 2.50 -18.56
CA TRP B 115 4.50 2.95 -19.56
C TRP B 115 3.13 3.08 -18.87
N LEU B 116 2.19 3.79 -19.50
CA LEU B 116 0.97 4.16 -18.81
C LEU B 116 0.13 2.91 -18.48
N ASN B 117 0.05 1.94 -19.37
CA ASN B 117 -0.80 0.81 -19.05
C ASN B 117 -0.25 0.03 -17.88
N LYS B 118 1.06 0.06 -17.70
CA LYS B 118 1.67 -0.62 -16.53
C LYS B 118 1.31 0.15 -15.25
N VAL B 119 1.33 1.48 -15.31
CA VAL B 119 0.85 2.27 -14.16
C VAL B 119 -0.61 2.00 -13.86
N LYS B 120 -1.43 1.90 -14.93
CA LYS B 120 -2.84 1.62 -14.72
C LYS B 120 -3.04 0.26 -14.02
N THR B 121 -2.32 -0.75 -14.49
CA THR B 121 -2.37 -2.07 -13.83
C THR B 121 -1.90 -1.97 -12.37
N SER B 122 -0.82 -1.23 -12.10
CA SER B 122 -0.30 -1.13 -10.73
C SER B 122 -1.30 -0.44 -9.82
N LEU B 123 -1.97 0.62 -10.29
CA LEU B 123 -3.09 1.18 -9.52
C LEU B 123 -4.22 0.23 -9.26
N ASN B 124 -4.65 -0.52 -10.28
CA ASN B 124 -5.76 -1.44 -10.14
C ASN B 124 -5.36 -2.51 -9.12
N GLU B 125 -4.07 -2.81 -9.03
CA GLU B 125 -3.62 -3.89 -8.15
C GLU B 125 -3.18 -3.36 -6.79
N GLN B 126 -3.45 -2.08 -6.55
CA GLN B 126 -3.12 -1.44 -5.28
C GLN B 126 -1.65 -1.63 -4.94
N MET B 127 -0.79 -1.43 -5.92
CA MET B 127 0.65 -1.58 -5.73
CA MET B 127 0.65 -1.57 -5.72
C MET B 127 1.33 -0.34 -5.15
N TYR B 128 0.63 0.79 -5.12
CA TYR B 128 1.23 1.99 -4.55
C TYR B 128 0.69 2.20 -3.15
N THR B 129 1.58 2.36 -2.17
CA THR B 129 1.10 2.67 -0.80
C THR B 129 1.03 4.13 -0.48
N ARG B 130 1.81 4.91 -1.22
CA ARG B 130 1.80 6.36 -1.09
CA ARG B 130 1.74 6.37 -1.08
C ARG B 130 1.66 7.04 -2.46
N VAL B 131 1.15 8.26 -2.46
CA VAL B 131 1.04 9.03 -3.74
C VAL B 131 2.43 9.11 -4.43
N GLU B 132 3.50 9.26 -3.61
CA GLU B 132 4.86 9.18 -4.14
C GLU B 132 5.15 8.07 -5.15
N GLY B 133 4.67 6.83 -4.91
CA GLY B 133 5.03 5.73 -5.78
C GLY B 133 4.46 5.91 -7.19
N PHE B 134 3.20 6.34 -7.22
CA PHE B 134 2.53 6.62 -8.48
C PHE B 134 3.21 7.77 -9.25
N VAL B 135 3.45 8.84 -8.55
CA VAL B 135 4.06 10.01 -9.18
C VAL B 135 5.45 9.67 -9.68
N GLN B 136 6.20 8.87 -8.90
CA GLN B 136 7.50 8.44 -9.38
C GLN B 136 7.43 7.64 -10.69
N ASP B 137 6.47 6.73 -10.82
CA ASP B 137 6.42 5.90 -12.00
C ASP B 137 5.99 6.79 -13.18
N MET B 138 5.11 7.73 -12.90
CA MET B 138 4.63 8.59 -14.05
C MET B 138 5.79 9.45 -14.59
N ARG B 139 6.58 10.00 -13.68
CA ARG B 139 7.75 10.81 -14.07
C ARG B 139 8.83 9.98 -14.76
N LEU B 140 8.98 8.73 -14.36
CA LEU B 140 9.93 7.83 -14.99
C LEU B 140 9.62 7.60 -16.48
N ILE B 141 8.33 7.57 -16.83
CA ILE B 141 7.93 7.41 -18.25
C ILE B 141 8.60 8.49 -19.09
N PHE B 142 8.52 9.71 -18.61
CA PHE B 142 8.94 10.84 -19.46
C PHE B 142 10.47 10.95 -19.38
N HIS B 143 11.03 10.54 -18.24
CA HIS B 143 12.49 10.47 -18.13
C HIS B 143 13.15 9.56 -19.13
N ASN B 144 12.64 8.34 -19.21
CA ASN B 144 13.17 7.33 -20.08
C ASN B 144 13.07 7.80 -21.53
N HIS B 145 11.94 8.43 -21.86
CA HIS B 145 11.73 8.96 -23.22
C HIS B 145 12.83 9.95 -23.63
N LYS B 146 13.11 10.89 -22.73
CA LYS B 146 14.12 11.92 -23.01
C LYS B 146 15.49 11.27 -23.11
N GLU B 147 15.79 10.26 -22.28
CA GLU B 147 17.10 9.60 -22.34
C GLU B 147 17.30 8.72 -23.55
N PHE B 148 16.21 8.30 -24.20
CA PHE B 148 16.37 7.44 -25.35
C PHE B 148 16.45 8.28 -26.63
N TYR B 149 15.55 9.20 -26.81
CA TYR B 149 15.48 10.04 -27.98
C TYR B 149 16.54 11.12 -28.05
N ARG B 150 16.94 11.64 -26.90
CA ARG B 150 18.03 12.59 -26.81
C ARG B 150 17.87 13.81 -27.72
N GLU B 151 18.78 13.99 -28.64
CA GLU B 151 18.74 15.11 -29.56
C GLU B 151 17.56 15.15 -30.52
N ASP B 152 17.00 14.00 -30.86
CA ASP B 152 15.89 13.96 -31.79
C ASP B 152 14.74 14.80 -31.31
N LYS B 153 14.11 15.52 -32.22
CA LYS B 153 12.99 16.39 -31.87
C LYS B 153 11.84 15.63 -31.22
N PHE B 154 11.83 14.31 -31.40
CA PHE B 154 10.76 13.46 -30.85
C PHE B 154 10.78 13.56 -29.32
N THR B 155 11.91 13.95 -28.75
CA THR B 155 12.01 14.22 -27.30
CA THR B 155 11.96 14.15 -27.31
C THR B 155 10.91 15.15 -26.83
N ARG B 156 10.48 16.08 -27.69
CA ARG B 156 9.49 17.08 -27.31
C ARG B 156 8.13 16.47 -26.90
N LEU B 157 7.80 15.31 -27.45
CA LEU B 157 6.53 14.66 -27.09
C LEU B 157 6.52 14.33 -25.59
N GLY B 158 7.67 13.92 -25.07
CA GLY B 158 7.83 13.61 -23.65
C GLY B 158 7.63 14.85 -22.78
N ILE B 159 8.24 15.98 -23.18
CA ILE B 159 8.03 17.20 -22.49
C ILE B 159 6.58 17.65 -22.51
N GLN B 160 5.93 17.51 -23.67
CA GLN B 160 4.54 17.93 -23.76
C GLN B 160 3.55 17.14 -22.86
N VAL B 161 3.69 15.83 -22.87
CA VAL B 161 2.79 15.00 -22.08
C VAL B 161 3.15 15.13 -20.59
N GLN B 162 4.44 15.25 -20.27
CA GLN B 162 4.78 15.50 -18.85
C GLN B 162 4.16 16.81 -18.38
N ASP B 163 4.13 17.84 -19.22
CA ASP B 163 3.53 19.04 -18.70
CA ASP B 163 3.49 19.09 -18.82
C ASP B 163 2.01 18.89 -18.49
N ILE B 164 1.33 18.07 -19.28
CA ILE B 164 -0.06 17.74 -19.00
C ILE B 164 -0.15 17.07 -17.62
N PHE B 165 0.71 16.08 -17.40
CA PHE B 165 0.68 15.40 -16.07
C PHE B 165 0.94 16.38 -14.91
N GLU B 166 1.96 17.23 -15.04
CA GLU B 166 2.30 18.12 -13.93
C GLU B 166 1.23 19.17 -13.65
N LYS B 167 0.65 19.77 -14.70
CA LYS B 167 -0.44 20.71 -14.50
C LYS B 167 -1.64 20.07 -13.79
N ASN B 168 -1.97 18.83 -14.17
CA ASN B 168 -3.14 18.21 -13.54
C ASN B 168 -2.81 17.75 -12.11
N PHE B 169 -1.56 17.36 -11.90
CA PHE B 169 -1.11 16.98 -10.56
C PHE B 169 -1.27 18.16 -9.59
N ARG B 170 -0.80 19.36 -9.98
CA ARG B 170 -0.99 20.50 -9.08
C ARG B 170 -2.43 20.90 -8.90
N ASN B 171 -3.24 20.78 -9.96
CA ASN B 171 -4.63 21.13 -9.83
C ASN B 171 -5.43 20.15 -8.98
N ILE B 172 -5.20 18.85 -9.15
CA ILE B 172 -6.02 17.85 -8.47
C ILE B 172 -5.68 17.82 -6.98
N PHE B 173 -4.41 18.06 -6.67
CA PHE B 173 -3.93 17.96 -5.29
C PHE B 173 -3.72 19.34 -4.66
N ALA B 174 -4.24 20.38 -5.33
CA ALA B 174 -4.09 21.77 -4.85
C ALA B 174 -2.70 22.14 -4.34
N ILE B 175 -1.71 21.95 -5.21
CA ILE B 175 -0.31 22.18 -4.87
C ILE B 175 -0.06 23.68 -5.00
N GLN B 176 0.67 24.27 -4.06
CA GLN B 176 1.04 25.69 -4.09
C GLN B 176 1.33 26.22 -5.50
#